data_3W2L
#
_entry.id   3W2L
#
_cell.length_a   67.943
_cell.length_b   71.982
_cell.length_c   129.273
_cell.angle_alpha   90.00
_cell.angle_beta   90.00
_cell.angle_gamma   90.00
#
_symmetry.space_group_name_H-M   'P 21 21 21'
#
loop_
_entity.id
_entity.type
_entity.pdbx_description
1 polymer 'Dihydroorotate dehydrogenase (fumarate)'
2 non-polymer '5-[2-(4-methoxyphenyl)ethyl]-2,6-dioxo-1,2,3,6-tetrahydropyrimidine-4-carboxylic acid'
3 non-polymer GLYCEROL
4 non-polymer 'FLAVIN MONONUCLEOTIDE'
5 non-polymer 'COBALT HEXAMMINE(III)'
6 water water
#
_entity_poly.entity_id   1
_entity_poly.type   'polypeptide(L)'
_entity_poly.pdbx_seq_one_letter_code
;MCLKLNLLDHVFANPFMNAAGVLCSTEEDLRCMTASSSGALVSKSCTSAPRDGNPEPRYMAFPLGSINSMGLPNLGFDFY
LKYASDLHDYSKKPLFLSISGLSVEENVAMVRRLAPVAQEKGVLLELNLSCPNVPGKPQVAYDFEAMRTYLQQVSLAYGL
PFGVKMPPYFDIAHFDTAAAVLNEFPLVKFVTCVNSVGNGLVIDAESESVVIKPKQGFGGLGGKYILPTALANVNAFYRR
CPDKLVFGCGGVYSGEDAFLHILAGASMVQVGTALQEEGPGIFTRLEDELLEIMARKGYRTLEEFRGRVKTIE
;
_entity_poly.pdbx_strand_id   A,B
#
# COMPACT_ATOMS: atom_id res chain seq x y z
N MET A 1 -1.24 -17.41 32.80
CA MET A 1 -1.14 -16.73 31.50
C MET A 1 -0.85 -15.25 31.66
N CYS A 2 0.04 -14.70 30.86
CA CYS A 2 0.30 -13.26 30.97
C CYS A 2 0.83 -12.56 29.75
N LEU A 3 0.50 -11.28 29.71
CA LEU A 3 0.84 -10.40 28.62
C LEU A 3 2.09 -9.53 28.90
N LYS A 4 2.77 -9.76 30.02
CA LYS A 4 3.90 -8.93 30.44
C LYS A 4 5.06 -9.02 29.46
N LEU A 5 5.74 -7.89 29.28
CA LEU A 5 6.96 -7.89 28.53
C LEU A 5 8.01 -7.08 29.27
N ASN A 6 9.25 -7.41 29.07
CA ASN A 6 10.31 -6.65 29.67
C ASN A 6 11.23 -6.35 28.52
N LEU A 7 11.36 -5.09 28.16
CA LEU A 7 12.26 -4.75 27.09
C LEU A 7 12.75 -3.34 27.19
N LEU A 8 13.87 -3.09 26.53
CA LEU A 8 14.46 -1.76 26.58
C LEU A 8 14.64 -1.27 28.03
N ASP A 9 14.94 -2.20 28.95
CA ASP A 9 15.05 -1.93 30.37
C ASP A 9 13.82 -1.32 31.03
N HIS A 10 12.66 -1.61 30.42
CA HIS A 10 11.38 -1.21 31.03
C HIS A 10 10.48 -2.39 31.13
N VAL A 11 9.47 -2.26 31.96
CA VAL A 11 8.50 -3.33 32.16
C VAL A 11 7.15 -2.83 31.72
N PHE A 12 6.47 -3.71 31.00
CA PHE A 12 5.20 -3.40 30.34
C PHE A 12 4.16 -4.42 30.75
N ALA A 13 3.01 -3.95 31.22
CA ALA A 13 1.96 -4.88 31.65
C ALA A 13 1.38 -5.72 30.50
N ASN A 14 1.41 -5.14 29.32
CA ASN A 14 0.84 -5.78 28.12
C ASN A 14 1.52 -5.07 26.92
N PRO A 15 1.33 -5.62 25.73
CA PRO A 15 2.09 -5.04 24.57
C PRO A 15 1.38 -3.86 23.93
N PHE A 16 0.22 -3.50 24.40
CA PHE A 16 -0.62 -2.50 23.67
C PHE A 16 -0.31 -1.09 24.03
N MET A 17 -0.31 -0.27 23.02
CA MET A 17 -0.09 1.18 23.20
C MET A 17 -0.81 1.93 22.08
N ASN A 18 -1.02 3.27 22.25
CA ASN A 18 -1.48 4.04 21.13
C ASN A 18 -0.45 4.13 20.00
N ALA A 19 -0.88 4.30 18.77
CA ALA A 19 -0.05 4.77 17.69
C ALA A 19 0.18 6.28 17.72
N ALA A 20 1.40 6.74 17.44
CA ALA A 20 1.66 8.14 17.54
C ALA A 20 0.65 8.88 16.69
N GLY A 21 0.17 10.00 17.23
CA GLY A 21 -0.75 10.85 16.55
C GLY A 21 -2.15 10.64 17.10
N VAL A 22 -2.44 9.48 17.67
CA VAL A 22 -3.80 9.22 18.17
C VAL A 22 -3.88 9.32 19.70
N LEU A 23 -4.76 10.19 20.17
CA LEU A 23 -5.04 10.34 21.58
C LEU A 23 -3.77 10.67 22.33
N CYS A 24 -2.99 11.55 21.74
CA CYS A 24 -1.75 11.90 22.41
C CYS A 24 -1.15 13.30 22.22
N SER A 25 -1.99 14.25 21.84
CA SER A 25 -1.51 15.57 21.52
C SER A 25 -1.50 16.60 22.65
N THR A 26 -2.43 16.43 23.58
CA THR A 26 -2.57 17.37 24.67
C THR A 26 -2.35 16.65 26.00
N GLU A 27 -2.22 17.45 27.03
CA GLU A 27 -2.05 16.92 28.34
C GLU A 27 -3.25 16.06 28.70
N GLU A 28 -4.44 16.57 28.41
CA GLU A 28 -5.62 15.76 28.61
C GLU A 28 -5.47 14.38 27.95
N ASP A 29 -5.07 14.39 26.68
CA ASP A 29 -4.94 13.15 25.93
C ASP A 29 -3.96 12.20 26.61
N LEU A 30 -2.77 12.72 27.01
CA LEU A 30 -1.74 11.89 27.60
C LEU A 30 -2.17 11.35 28.95
N ARG A 31 -2.90 12.15 29.77
CA ARG A 31 -3.48 11.70 31.04
C ARG A 31 -4.49 10.55 30.78
N CYS A 32 -5.28 10.70 29.75
CA CYS A 32 -6.25 9.66 29.33
C CYS A 32 -5.58 8.40 28.97
N MET A 33 -4.55 8.48 28.12
CA MET A 33 -3.82 7.29 27.71
C MET A 33 -3.14 6.64 28.93
N THR A 34 -2.65 7.48 29.84
CA THR A 34 -2.02 6.97 31.04
C THR A 34 -3.01 6.23 31.96
N ALA A 35 -4.25 6.75 32.07
CA ALA A 35 -5.29 6.15 32.90
C ALA A 35 -5.86 4.86 32.28
N SER A 36 -5.69 4.66 30.98
CA SER A 36 -6.19 3.44 30.27
C SER A 36 -5.39 2.20 30.65
N SER A 37 -5.88 1.06 30.15
CA SER A 37 -5.23 -0.24 30.40
C SER A 37 -4.10 -0.49 29.46
N SER A 38 -3.73 0.46 28.58
CA SER A 38 -2.60 0.19 27.72
C SER A 38 -1.33 -0.10 28.48
N GLY A 39 -0.42 -0.83 27.86
CA GLY A 39 0.87 -1.10 28.51
C GLY A 39 1.93 0.02 28.39
N ALA A 40 1.71 0.93 27.45
CA ALA A 40 2.52 2.13 27.25
C ALA A 40 1.75 3.18 26.53
N LEU A 41 2.36 4.37 26.36
CA LEU A 41 1.83 5.41 25.48
C LEU A 41 2.99 6.10 24.80
N VAL A 42 2.64 6.65 23.66
CA VAL A 42 3.52 7.54 22.87
C VAL A 42 2.90 8.90 22.66
N SER A 43 3.72 9.95 22.77
CA SER A 43 3.25 11.28 22.46
C SER A 43 3.14 11.59 20.96
N LYS A 44 2.31 12.57 20.58
CA LYS A 44 2.22 13.10 19.23
C LYS A 44 3.59 13.53 18.71
N SER A 45 3.90 13.09 17.50
CA SER A 45 5.14 13.53 16.81
C SER A 45 5.20 15.04 16.86
N CYS A 46 6.33 15.54 17.33
CA CYS A 46 6.45 16.99 17.55
C CYS A 46 7.58 17.61 16.72
N THR A 47 7.38 18.92 16.58
CA THR A 47 8.34 19.86 16.00
C THR A 47 8.84 20.87 17.05
N SER A 48 9.93 21.57 16.72
CA SER A 48 10.48 22.53 17.67
C SER A 48 9.45 23.53 18.12
N ALA A 49 8.73 24.04 17.16
CA ALA A 49 7.64 24.98 17.38
C ALA A 49 6.28 24.32 17.22
N PRO A 50 5.34 24.97 18.01
CA PRO A 50 3.95 24.49 17.84
C PRO A 50 3.44 24.66 16.40
N ARG A 51 2.58 23.74 15.96
CA ARG A 51 1.93 23.80 14.67
C ARG A 51 0.43 23.60 14.77
N ASP A 52 -0.31 24.38 14.00
CA ASP A 52 -1.75 24.23 13.89
C ASP A 52 -2.16 23.05 13.03
N GLY A 53 -1.28 22.71 12.12
CA GLY A 53 -1.54 21.66 11.18
C GLY A 53 -2.39 22.13 10.01
N ASN A 54 -2.85 21.19 9.22
CA ASN A 54 -3.60 21.48 8.00
C ASN A 54 -5.08 21.83 8.21
N PRO A 55 -5.68 22.47 7.25
CA PRO A 55 -7.11 22.74 7.39
C PRO A 55 -8.01 21.53 7.50
N GLU A 56 -9.13 21.70 8.20
CA GLU A 56 -10.10 20.60 8.43
C GLU A 56 -11.13 20.66 7.29
N PRO A 57 -11.73 19.53 6.90
CA PRO A 57 -11.51 18.22 7.50
C PRO A 57 -10.21 17.58 7.05
N ARG A 58 -9.50 16.96 8.01
CA ARG A 58 -8.18 16.39 7.75
C ARG A 58 -8.02 14.98 8.24
N TYR A 59 -9.02 14.41 8.85
CA TYR A 59 -9.15 13.02 9.21
C TYR A 59 -10.58 12.57 8.97
N MET A 60 -10.71 11.40 8.37
CA MET A 60 -12.01 10.75 8.23
C MET A 60 -11.88 9.26 8.35
N ALA A 61 -12.87 8.63 8.98
CA ALA A 61 -12.90 7.21 9.12
C ALA A 61 -14.17 6.58 8.56
N PHE A 62 -14.02 5.31 8.23
CA PHE A 62 -15.03 4.51 7.50
C PHE A 62 -14.88 3.05 7.96
N PRO A 63 -15.81 2.18 7.56
CA PRO A 63 -15.75 0.81 8.03
C PRO A 63 -14.44 0.11 7.86
N LEU A 64 -13.74 0.40 6.78
CA LEU A 64 -12.47 -0.34 6.51
C LEU A 64 -11.21 0.41 6.94
N GLY A 65 -11.37 1.62 7.49
CA GLY A 65 -10.21 2.38 7.92
C GLY A 65 -10.32 3.85 7.88
N SER A 66 -9.19 4.53 7.77
CA SER A 66 -9.17 5.95 7.88
C SER A 66 -8.19 6.55 6.87
N ILE A 67 -8.35 7.84 6.64
CA ILE A 67 -7.44 8.64 5.87
C ILE A 67 -7.17 9.92 6.59
N ASN A 68 -5.93 10.39 6.50
CA ASN A 68 -5.54 11.63 7.19
C ASN A 68 -4.46 12.39 6.50
N SER A 69 -4.59 13.71 6.57
CA SER A 69 -3.49 14.60 6.21
C SER A 69 -3.48 15.63 7.29
N MET A 70 -3.12 15.24 8.50
CA MET A 70 -3.16 16.18 9.63
C MET A 70 -2.22 17.37 9.47
N GLY A 71 -1.04 17.16 8.86
CA GLY A 71 -0.01 18.22 8.78
C GLY A 71 0.78 18.45 10.04
N LEU A 72 0.94 17.46 10.89
CA LEU A 72 1.69 17.54 12.11
C LEU A 72 1.24 18.65 13.08
N PRO A 73 -0.04 18.72 13.37
CA PRO A 73 -0.45 19.64 14.50
C PRO A 73 0.07 19.13 15.80
N ASN A 74 0.73 20.00 16.60
CA ASN A 74 1.27 19.59 17.87
C ASN A 74 1.60 20.82 18.69
N LEU A 75 1.75 20.58 19.97
CA LEU A 75 2.00 21.65 20.97
C LEU A 75 3.45 22.12 21.03
N GLY A 76 4.32 21.48 20.29
CA GLY A 76 5.74 21.87 20.28
C GLY A 76 6.52 21.04 21.24
N PHE A 77 7.81 20.91 20.94
CA PHE A 77 8.70 20.05 21.68
C PHE A 77 8.76 20.42 23.11
N ASP A 78 8.80 21.71 23.47
CA ASP A 78 8.96 22.03 24.82
C ASP A 78 7.82 21.48 25.67
N PHE A 79 6.59 21.50 25.19
CA PHE A 79 5.50 20.91 25.91
C PHE A 79 5.67 19.38 26.16
N TYR A 80 6.03 18.63 25.10
CA TYR A 80 6.24 17.17 25.29
C TYR A 80 7.40 16.81 26.20
N LEU A 81 8.42 17.64 26.13
CA LEU A 81 9.55 17.44 27.01
C LEU A 81 9.22 17.65 28.46
N LYS A 82 8.42 18.68 28.68
CA LYS A 82 7.92 18.98 30.00
C LYS A 82 7.00 17.89 30.51
N TYR A 83 6.16 17.34 29.63
CA TYR A 83 5.28 16.26 30.05
C TYR A 83 6.17 15.10 30.49
N ALA A 84 7.17 14.81 29.69
CA ALA A 84 8.08 13.72 30.05
C ALA A 84 8.88 13.98 31.33
N SER A 85 9.37 15.19 31.45
CA SER A 85 10.19 15.57 32.55
C SER A 85 9.51 15.74 33.90
N ASP A 86 8.32 16.32 33.87
CA ASP A 86 7.64 16.74 35.07
C ASP A 86 6.25 16.18 35.34
N LEU A 87 5.51 15.80 34.31
CA LEU A 87 4.13 15.45 34.49
C LEU A 87 3.78 13.96 34.45
N HIS A 88 4.49 13.22 33.61
CA HIS A 88 4.17 11.80 33.40
C HIS A 88 4.48 11.03 34.66
N ASP A 89 3.49 10.17 35.02
CA ASP A 89 3.70 9.23 36.12
C ASP A 89 4.24 7.89 35.56
N TYR A 90 5.55 7.71 35.71
CA TYR A 90 6.26 6.55 35.24
C TYR A 90 5.94 5.28 36.06
N SER A 91 5.30 5.44 37.20
CA SER A 91 4.88 4.28 37.97
C SER A 91 3.67 3.65 37.30
N LYS A 92 2.98 4.37 36.44
CA LYS A 92 1.83 3.80 35.74
C LYS A 92 2.23 2.92 34.53
N LYS A 93 3.06 3.49 33.67
CA LYS A 93 3.51 2.83 32.48
C LYS A 93 4.63 3.63 31.81
N PRO A 94 5.40 2.99 30.95
CA PRO A 94 6.39 3.72 30.19
C PRO A 94 5.82 4.66 29.17
N LEU A 95 6.63 5.65 28.90
CA LEU A 95 6.35 6.72 27.92
C LEU A 95 7.39 6.72 26.82
N PHE A 96 6.88 6.75 25.59
CA PHE A 96 7.65 7.09 24.44
C PHE A 96 7.35 8.52 23.99
N LEU A 97 8.36 9.20 23.48
CA LEU A 97 8.15 10.51 22.91
C LEU A 97 8.55 10.47 21.43
N SER A 98 7.63 10.80 20.52
CA SER A 98 7.92 10.75 19.10
C SER A 98 8.33 12.15 18.62
N ILE A 99 9.37 12.21 17.82
CA ILE A 99 9.75 13.47 17.24
C ILE A 99 9.74 13.38 15.72
N SER A 100 9.35 14.48 15.09
CA SER A 100 9.30 14.54 13.67
C SER A 100 9.71 15.90 13.12
N GLY A 101 10.97 16.24 13.37
CA GLY A 101 11.51 17.46 12.82
C GLY A 101 11.48 17.50 11.30
N LEU A 102 11.36 18.70 10.79
CA LEU A 102 11.20 18.96 9.38
C LEU A 102 12.54 19.06 8.61
N SER A 103 13.62 18.99 9.34
CA SER A 103 14.96 18.94 8.81
C SER A 103 15.83 18.15 9.77
N VAL A 104 16.98 17.66 9.32
CA VAL A 104 17.86 16.90 10.21
C VAL A 104 18.31 17.83 11.34
N GLU A 105 18.57 19.13 11.05
CA GLU A 105 18.98 20.01 12.11
C GLU A 105 17.96 20.19 13.24
N GLU A 106 16.67 20.25 12.86
CA GLU A 106 15.58 20.37 13.84
C GLU A 106 15.54 19.10 14.74
N ASN A 107 15.67 17.92 14.14
CA ASN A 107 15.69 16.67 14.95
C ASN A 107 16.88 16.66 15.91
N VAL A 108 18.09 17.02 15.42
CA VAL A 108 19.26 17.10 16.26
C VAL A 108 19.08 18.04 17.47
N ALA A 109 18.45 19.16 17.23
CA ALA A 109 18.25 20.10 18.30
C ALA A 109 17.34 19.54 19.40
N MET A 110 16.29 18.89 18.97
CA MET A 110 15.39 18.31 19.92
C MET A 110 16.05 17.13 20.68
N VAL A 111 16.72 16.24 19.97
CA VAL A 111 17.29 15.04 20.67
C VAL A 111 18.38 15.43 21.69
N ARG A 112 19.07 16.51 21.36
CA ARG A 112 20.09 16.97 22.30
C ARG A 112 19.51 17.37 23.64
N ARG A 113 18.34 17.97 23.62
CA ARG A 113 17.68 18.37 24.83
C ARG A 113 16.82 17.26 25.49
N LEU A 114 16.38 16.30 24.69
CA LEU A 114 15.74 15.09 25.23
C LEU A 114 16.64 14.18 26.02
N ALA A 115 17.89 14.10 25.61
CA ALA A 115 18.76 13.07 26.14
C ALA A 115 18.86 13.03 27.65
N PRO A 116 19.08 14.25 28.28
CA PRO A 116 19.22 14.18 29.76
C PRO A 116 17.95 13.68 30.48
N VAL A 117 16.80 14.01 29.92
CA VAL A 117 15.55 13.58 30.41
C VAL A 117 15.34 12.09 30.14
N ALA A 118 15.73 11.59 28.99
CA ALA A 118 15.73 10.16 28.76
C ALA A 118 16.56 9.44 29.73
N GLN A 119 17.77 9.94 29.98
CA GLN A 119 18.66 9.39 30.95
C GLN A 119 18.12 9.38 32.36
N GLU A 120 17.57 10.47 32.82
CA GLU A 120 17.10 10.58 34.18
C GLU A 120 15.74 9.95 34.43
N LYS A 121 14.81 10.08 33.46
CA LYS A 121 13.42 9.61 33.66
C LYS A 121 13.02 8.36 32.91
N GLY A 122 13.77 8.00 31.91
CA GLY A 122 13.53 6.75 31.16
C GLY A 122 12.58 6.92 29.99
N VAL A 123 12.17 8.15 29.66
CA VAL A 123 11.42 8.32 28.40
C VAL A 123 12.14 7.80 27.22
N LEU A 124 11.43 7.13 26.30
CA LEU A 124 12.00 6.45 25.17
C LEU A 124 11.72 7.22 23.89
N LEU A 125 12.71 7.46 23.08
CA LEU A 125 12.56 8.19 21.85
C LEU A 125 12.15 7.32 20.66
N GLU A 126 11.11 7.76 19.93
CA GLU A 126 10.65 7.21 18.61
C GLU A 126 10.87 8.31 17.59
N LEU A 127 11.82 8.12 16.72
CA LEU A 127 12.06 9.10 15.63
C LEU A 127 11.27 8.72 14.43
N ASN A 128 10.41 9.64 13.99
CA ASN A 128 9.57 9.40 12.86
C ASN A 128 10.27 9.72 11.57
N LEU A 129 10.56 8.70 10.80
CA LEU A 129 11.25 8.88 9.54
C LEU A 129 10.33 8.97 8.37
N SER A 130 9.04 8.78 8.65
CA SER A 130 8.02 8.63 7.63
C SER A 130 7.47 9.97 7.57
N CYS A 131 8.28 10.88 7.13
CA CYS A 131 8.10 12.23 7.35
C CYS A 131 8.80 13.15 6.24
N PRO A 132 8.13 14.36 6.01
CA PRO A 132 8.75 15.28 5.05
C PRO A 132 10.18 15.74 5.24
N ASN A 133 10.89 15.80 4.13
CA ASN A 133 12.13 16.53 4.07
C ASN A 133 11.95 17.69 3.10
N VAL A 134 12.78 17.81 2.11
CA VAL A 134 12.64 18.87 1.14
C VAL A 134 11.43 18.58 0.26
N PRO A 135 10.48 19.61 0.16
CA PRO A 135 9.39 19.30 -0.78
C PRO A 135 9.85 19.02 -2.23
N GLY A 136 9.20 18.08 -2.91
CA GLY A 136 9.60 17.53 -4.19
C GLY A 136 10.56 16.37 -4.09
N LYS A 137 11.03 16.10 -2.86
CA LYS A 137 11.73 14.87 -2.65
C LYS A 137 10.76 13.93 -1.88
N PRO A 138 11.04 12.64 -1.97
CA PRO A 138 10.26 11.65 -1.19
C PRO A 138 10.49 11.78 0.28
N GLN A 139 9.56 11.27 1.04
CA GLN A 139 9.68 11.28 2.47
C GLN A 139 11.06 10.66 2.86
N VAL A 140 11.55 11.04 4.04
CA VAL A 140 12.91 10.68 4.46
C VAL A 140 13.22 9.18 4.36
N ALA A 141 12.30 8.34 4.79
CA ALA A 141 12.55 6.88 4.82
C ALA A 141 12.41 6.25 3.38
N TYR A 142 11.98 7.04 2.41
CA TYR A 142 11.98 6.64 1.02
C TYR A 142 13.19 7.22 0.28
N ASP A 143 14.09 7.85 1.00
CA ASP A 143 15.31 8.42 0.43
C ASP A 143 16.44 7.91 1.30
N PHE A 144 17.05 6.80 0.87
CA PHE A 144 17.96 6.04 1.75
C PHE A 144 19.18 6.80 2.17
N GLU A 145 19.64 7.68 1.31
CA GLU A 145 20.73 8.54 1.68
C GLU A 145 20.34 9.54 2.74
N ALA A 146 19.16 10.15 2.64
CA ALA A 146 18.71 11.06 3.68
C ALA A 146 18.54 10.31 4.98
N MET A 147 17.93 9.11 4.90
CA MET A 147 17.66 8.32 6.09
C MET A 147 18.98 8.02 6.82
N ARG A 148 19.98 7.64 6.07
CA ARG A 148 21.29 7.40 6.67
C ARG A 148 21.81 8.67 7.37
N THR A 149 21.67 9.83 6.73
CA THR A 149 22.13 11.08 7.34
C THR A 149 21.39 11.38 8.59
N TYR A 150 20.09 11.17 8.54
CA TYR A 150 19.33 11.47 9.77
C TYR A 150 19.77 10.60 10.92
N LEU A 151 19.95 9.29 10.68
CA LEU A 151 20.32 8.37 11.74
C LEU A 151 21.74 8.58 12.24
N GLN A 152 22.63 8.98 11.33
CA GLN A 152 23.97 9.33 11.78
C GLN A 152 23.95 10.53 12.72
N GLN A 153 23.19 11.54 12.32
CA GLN A 153 23.21 12.78 13.10
C GLN A 153 22.48 12.64 14.42
N VAL A 154 21.34 11.93 14.42
CA VAL A 154 20.63 11.72 15.63
C VAL A 154 21.39 10.77 16.56
N SER A 155 22.04 9.75 16.04
CA SER A 155 22.81 8.82 16.88
C SER A 155 23.91 9.63 17.61
N LEU A 156 24.64 10.47 16.88
CA LEU A 156 25.69 11.25 17.48
C LEU A 156 25.16 12.24 18.52
N ALA A 157 24.04 12.90 18.22
CA ALA A 157 23.49 13.93 19.07
C ALA A 157 22.82 13.42 20.34
N TYR A 158 22.24 12.24 20.21
CA TYR A 158 21.48 11.67 21.30
C TYR A 158 22.30 10.77 22.20
N GLY A 159 22.95 9.81 21.58
CA GLY A 159 23.89 8.98 22.24
C GLY A 159 23.31 7.88 23.12
N LEU A 160 22.00 7.59 22.99
CA LEU A 160 21.25 6.63 23.83
C LEU A 160 20.39 5.80 22.89
N PRO A 161 20.03 4.63 23.37
CA PRO A 161 19.12 3.79 22.58
C PRO A 161 17.82 4.56 22.21
N PHE A 162 17.40 4.35 20.97
CA PHE A 162 16.16 4.93 20.47
C PHE A 162 15.53 4.02 19.46
N GLY A 163 14.34 4.37 19.01
CA GLY A 163 13.75 3.63 17.90
C GLY A 163 13.26 4.53 16.79
N VAL A 164 12.82 3.90 15.71
CA VAL A 164 12.42 4.60 14.54
C VAL A 164 11.05 4.10 14.05
N LYS A 165 10.21 5.03 13.60
CA LYS A 165 8.90 4.72 13.02
C LYS A 165 9.07 4.78 11.46
N MET A 166 8.79 3.66 10.80
CA MET A 166 9.00 3.48 9.34
C MET A 166 7.71 3.48 8.58
N PRO A 167 7.71 4.05 7.36
CA PRO A 167 6.62 3.87 6.47
C PRO A 167 6.63 2.43 5.98
N PRO A 168 5.55 1.98 5.39
CA PRO A 168 5.60 0.73 4.69
C PRO A 168 6.39 0.74 3.40
N TYR A 169 7.05 -0.37 3.14
CA TYR A 169 7.64 -0.66 1.83
C TYR A 169 6.91 -1.76 1.08
N PHE A 170 7.13 -1.84 -0.24
CA PHE A 170 6.33 -2.66 -1.13
C PHE A 170 7.15 -3.55 -2.07
N ASP A 171 8.48 -3.44 -1.92
CA ASP A 171 9.38 -4.08 -2.86
C ASP A 171 10.47 -4.70 -1.97
N ILE A 172 10.84 -5.91 -2.27
CA ILE A 172 11.81 -6.66 -1.46
C ILE A 172 13.12 -5.92 -1.48
N ALA A 173 13.42 -5.28 -2.60
CA ALA A 173 14.73 -4.59 -2.68
C ALA A 173 14.76 -3.47 -1.68
N HIS A 174 13.62 -2.80 -1.45
CA HIS A 174 13.49 -1.78 -0.36
C HIS A 174 13.56 -2.34 1.05
N PHE A 175 12.96 -3.52 1.32
CA PHE A 175 13.15 -4.15 2.58
C PHE A 175 14.62 -4.38 2.85
N ASP A 176 15.31 -4.88 1.83
CA ASP A 176 16.71 -5.25 1.99
C ASP A 176 17.53 -4.02 2.26
N THR A 177 17.35 -2.99 1.49
CA THR A 177 18.13 -1.77 1.64
C THR A 177 17.84 -1.04 2.98
N ALA A 178 16.56 -0.89 3.28
CA ALA A 178 16.17 -0.16 4.47
C ALA A 178 16.72 -0.86 5.71
N ALA A 179 16.59 -2.19 5.80
CA ALA A 179 17.10 -2.90 6.93
C ALA A 179 18.59 -2.82 7.05
N ALA A 180 19.28 -2.84 5.95
CA ALA A 180 20.71 -2.70 5.95
C ALA A 180 21.10 -1.30 6.47
N VAL A 181 20.40 -0.23 6.06
CA VAL A 181 20.69 1.09 6.63
C VAL A 181 20.47 1.03 8.13
N LEU A 182 19.32 0.54 8.61
CA LEU A 182 19.05 0.47 10.03
C LEU A 182 20.10 -0.29 10.83
N ASN A 183 20.60 -1.37 10.24
CA ASN A 183 21.55 -2.20 10.90
C ASN A 183 22.97 -1.57 10.97
N GLU A 184 23.16 -0.46 10.29
CA GLU A 184 24.39 0.34 10.53
C GLU A 184 24.43 1.07 11.86
N PHE A 185 23.27 1.20 12.54
CA PHE A 185 23.11 2.02 13.71
C PHE A 185 22.75 1.24 14.91
N PRO A 186 23.76 0.90 15.75
CA PRO A 186 23.52 0.10 16.90
C PRO A 186 22.62 0.73 18.02
N LEU A 187 22.51 2.03 18.01
CA LEU A 187 21.61 2.66 18.93
C LEU A 187 20.11 2.53 18.52
N VAL A 188 19.85 2.14 17.27
CA VAL A 188 18.45 1.89 16.87
C VAL A 188 18.05 0.51 17.44
N LYS A 189 17.31 0.54 18.53
CA LYS A 189 17.00 -0.69 19.29
C LYS A 189 15.64 -1.20 18.96
N PHE A 190 14.77 -0.39 18.44
CA PHE A 190 13.42 -0.83 17.99
C PHE A 190 13.02 -0.17 16.67
N VAL A 191 12.19 -0.88 15.88
CA VAL A 191 11.75 -0.39 14.62
C VAL A 191 10.21 -0.57 14.61
N THR A 192 9.47 0.51 14.45
CA THR A 192 8.04 0.41 14.43
C THR A 192 7.53 0.37 13.02
N CYS A 193 6.85 -0.72 12.66
CA CYS A 193 6.32 -0.88 11.33
C CYS A 193 4.83 -1.08 11.48
N VAL A 194 3.97 -0.24 10.89
CA VAL A 194 4.28 0.79 9.94
C VAL A 194 3.49 2.07 10.21
N ASN A 195 3.99 3.16 9.65
CA ASN A 195 3.17 4.37 9.52
C ASN A 195 2.08 4.17 8.43
N SER A 196 1.29 5.20 8.16
CA SER A 196 0.19 5.02 7.26
C SER A 196 0.65 4.69 5.84
N VAL A 197 -0.22 4.01 5.08
CA VAL A 197 0.05 3.78 3.69
C VAL A 197 -0.20 5.12 2.93
N GLY A 198 0.88 5.64 2.37
CA GLY A 198 0.90 7.00 1.88
C GLY A 198 -0.03 7.27 0.72
N ASN A 199 -0.60 8.46 0.73
CA ASN A 199 -1.23 9.07 -0.42
C ASN A 199 -2.26 8.19 -1.11
N GLY A 200 -3.13 7.65 -0.28
CA GLY A 200 -4.34 7.09 -0.78
C GLY A 200 -5.34 8.16 -1.08
N LEU A 201 -6.48 7.78 -1.63
CA LEU A 201 -7.53 8.78 -1.98
C LEU A 201 -8.89 8.15 -1.77
N VAL A 202 -9.64 8.67 -0.80
CA VAL A 202 -11.02 8.20 -0.57
C VAL A 202 -12.00 9.21 -1.21
N ILE A 203 -12.94 8.65 -1.95
CA ILE A 203 -13.94 9.43 -2.65
C ILE A 203 -15.34 8.95 -2.21
N ASP A 204 -16.22 9.92 -1.95
CA ASP A 204 -17.57 9.66 -1.53
C ASP A 204 -18.47 9.69 -2.77
N ALA A 205 -19.14 8.57 -3.02
CA ALA A 205 -19.89 8.46 -4.24
C ALA A 205 -21.07 9.42 -4.30
N GLU A 206 -21.74 9.62 -3.17
CA GLU A 206 -22.92 10.47 -3.19
C GLU A 206 -22.58 11.89 -3.55
N SER A 207 -21.57 12.43 -2.88
CA SER A 207 -21.17 13.78 -3.12
C SER A 207 -20.16 13.96 -4.22
N GLU A 208 -19.60 12.86 -4.68
CA GLU A 208 -18.64 12.90 -5.77
C GLU A 208 -17.42 13.71 -5.40
N SER A 209 -17.13 13.68 -4.12
CA SER A 209 -16.11 14.55 -3.58
C SER A 209 -15.09 13.72 -2.80
N VAL A 210 -13.84 14.15 -2.82
CA VAL A 210 -12.88 13.68 -1.81
C VAL A 210 -13.39 14.03 -0.37
N VAL A 211 -12.84 13.38 0.66
CA VAL A 211 -13.37 13.53 2.01
C VAL A 211 -12.50 14.33 2.97
N ILE A 212 -11.26 14.64 2.59
CA ILE A 212 -10.41 15.54 3.30
C ILE A 212 -9.95 16.67 2.41
N LYS A 213 -9.74 17.80 3.04
CA LYS A 213 -9.42 19.05 2.37
C LYS A 213 -7.99 19.22 1.91
N PRO A 214 -7.00 18.89 2.75
CA PRO A 214 -5.66 19.12 2.27
C PRO A 214 -5.28 18.23 1.09
N LYS A 215 -4.28 18.65 0.29
CA LYS A 215 -3.63 17.82 -0.73
C LYS A 215 -4.63 17.19 -1.74
N GLN A 216 -5.71 17.94 -2.05
CA GLN A 216 -6.71 17.48 -3.02
C GLN A 216 -7.28 16.13 -2.62
N GLY A 217 -7.37 15.88 -1.33
CA GLY A 217 -7.98 14.68 -0.82
C GLY A 217 -7.01 13.52 -0.58
N PHE A 218 -5.76 13.65 -0.98
CA PHE A 218 -4.78 12.59 -0.79
C PHE A 218 -4.30 12.53 0.68
N GLY A 219 -4.19 11.34 1.26
CA GLY A 219 -3.72 11.22 2.58
C GLY A 219 -3.36 9.85 2.98
N GLY A 220 -2.77 9.73 4.17
CA GLY A 220 -2.33 8.43 4.59
C GLY A 220 -3.44 7.52 5.08
N LEU A 221 -3.34 6.23 4.75
CA LEU A 221 -4.41 5.26 5.08
C LEU A 221 -4.04 4.42 6.24
N GLY A 222 -4.98 4.19 7.10
CA GLY A 222 -4.86 3.34 8.24
C GLY A 222 -6.01 2.39 8.30
N GLY A 223 -5.95 1.45 9.21
CA GLY A 223 -7.04 0.58 9.56
C GLY A 223 -7.03 -0.78 8.79
N LYS A 224 -8.20 -1.30 8.57
CA LYS A 224 -8.35 -2.61 7.93
C LYS A 224 -7.72 -2.73 6.54
N TYR A 225 -7.68 -1.61 5.79
CA TYR A 225 -6.98 -1.59 4.52
C TYR A 225 -5.53 -2.13 4.61
N ILE A 226 -4.88 -1.89 5.72
CA ILE A 226 -3.40 -1.94 5.75
C ILE A 226 -2.81 -3.10 6.59
N LEU A 227 -3.67 -4.00 7.09
CA LEU A 227 -3.18 -5.04 7.94
C LEU A 227 -2.17 -5.95 7.25
N PRO A 228 -2.49 -6.52 6.11
CA PRO A 228 -1.48 -7.39 5.50
C PRO A 228 -0.18 -6.64 5.11
N THR A 229 -0.22 -5.37 4.74
CA THR A 229 0.94 -4.55 4.46
C THR A 229 1.74 -4.42 5.76
N ALA A 230 1.05 -4.14 6.87
CA ALA A 230 1.70 -4.02 8.19
C ALA A 230 2.39 -5.31 8.59
N LEU A 231 1.71 -6.45 8.45
CA LEU A 231 2.25 -7.71 8.86
C LEU A 231 3.51 -7.97 8.04
N ALA A 232 3.45 -7.70 6.74
CA ALA A 232 4.60 -7.95 5.85
C ALA A 232 5.78 -7.16 6.32
N ASN A 233 5.58 -5.91 6.67
CA ASN A 233 6.69 -5.08 7.06
C ASN A 233 7.25 -5.48 8.41
N VAL A 234 6.37 -5.83 9.34
CA VAL A 234 6.84 -6.31 10.65
C VAL A 234 7.72 -7.53 10.40
N ASN A 235 7.24 -8.47 9.59
CA ASN A 235 7.98 -9.75 9.48
C ASN A 235 9.28 -9.53 8.71
N ALA A 236 9.22 -8.67 7.68
CA ALA A 236 10.41 -8.36 6.86
C ALA A 236 11.54 -7.78 7.70
N PHE A 237 11.23 -6.80 8.56
CA PHE A 237 12.24 -6.23 9.45
C PHE A 237 12.61 -7.19 10.57
N TYR A 238 11.67 -7.97 11.05
CA TYR A 238 11.97 -9.00 12.08
C TYR A 238 13.02 -9.97 11.61
N ARG A 239 12.83 -10.42 10.36
CA ARG A 239 13.83 -11.32 9.75
C ARG A 239 15.17 -10.64 9.51
N ARG A 240 15.17 -9.41 9.04
CA ARG A 240 16.41 -8.72 8.58
C ARG A 240 17.14 -8.00 9.73
N CYS A 241 16.48 -7.76 10.89
CA CYS A 241 17.15 -7.00 11.99
C CYS A 241 17.16 -7.82 13.23
N PRO A 242 17.97 -8.90 13.27
CA PRO A 242 17.89 -9.84 14.41
C PRO A 242 18.36 -9.24 15.73
N ASP A 243 19.11 -8.18 15.67
CA ASP A 243 19.50 -7.53 16.93
C ASP A 243 18.65 -6.38 17.37
N LYS A 244 17.51 -6.16 16.71
CA LYS A 244 16.61 -5.06 17.09
C LYS A 244 15.24 -5.65 17.42
N LEU A 245 14.43 -4.92 18.20
CA LEU A 245 13.01 -5.25 18.43
C LEU A 245 12.24 -4.68 17.26
N VAL A 246 11.07 -5.28 16.97
CA VAL A 246 10.14 -4.69 16.02
C VAL A 246 8.84 -4.45 16.77
N PHE A 247 8.27 -3.26 16.62
CA PHE A 247 6.94 -2.96 17.16
C PHE A 247 6.00 -2.95 15.96
N GLY A 248 4.82 -3.56 16.09
CA GLY A 248 3.91 -3.56 15.03
C GLY A 248 2.85 -2.52 15.16
N CYS A 249 2.46 -1.92 14.03
CA CYS A 249 1.38 -0.90 13.96
C CYS A 249 0.70 -1.06 12.61
N GLY A 250 -0.62 -1.14 12.58
CA GLY A 250 -1.42 -1.13 11.38
C GLY A 250 -2.49 -2.16 11.43
N GLY A 251 -3.71 -1.67 11.30
CA GLY A 251 -4.84 -2.59 11.21
C GLY A 251 -5.24 -3.35 12.38
N VAL A 252 -4.81 -2.99 13.59
CA VAL A 252 -5.22 -3.72 14.77
C VAL A 252 -6.59 -3.21 15.22
N TYR A 253 -7.57 -4.11 15.23
CA TYR A 253 -8.89 -3.86 15.79
C TYR A 253 -9.29 -4.94 16.81
N SER A 254 -8.56 -5.99 16.90
CA SER A 254 -8.97 -7.13 17.74
C SER A 254 -7.74 -7.79 18.31
N GLY A 255 -7.99 -8.65 19.29
CA GLY A 255 -6.89 -9.47 19.83
C GLY A 255 -6.31 -10.41 18.78
N GLU A 256 -7.15 -10.89 17.86
CA GLU A 256 -6.67 -11.74 16.78
C GLU A 256 -5.69 -10.97 15.88
N ASP A 257 -6.01 -9.72 15.54
CA ASP A 257 -5.11 -8.90 14.74
C ASP A 257 -3.76 -8.70 15.47
N ALA A 258 -3.83 -8.48 16.78
CA ALA A 258 -2.65 -8.35 17.57
C ALA A 258 -1.83 -9.64 17.59
N PHE A 259 -2.51 -10.78 17.72
CA PHE A 259 -1.86 -12.10 17.68
C PHE A 259 -1.07 -12.30 16.37
N LEU A 260 -1.66 -11.88 15.28
CA LEU A 260 -0.99 -11.99 14.02
C LEU A 260 0.27 -11.09 13.94
N HIS A 261 0.13 -9.84 14.36
CA HIS A 261 1.33 -9.02 14.54
C HIS A 261 2.44 -9.67 15.32
N ILE A 262 2.08 -10.27 16.44
CA ILE A 262 3.05 -10.90 17.30
C ILE A 262 3.66 -12.15 16.66
N LEU A 263 2.85 -12.96 16.02
CA LEU A 263 3.37 -14.07 15.19
C LEU A 263 4.36 -13.63 14.16
N ALA A 264 4.12 -12.47 13.51
CA ALA A 264 5.01 -11.86 12.60
C ALA A 264 6.29 -11.37 13.15
N GLY A 265 6.34 -11.11 14.44
CA GLY A 265 7.52 -10.55 15.05
C GLY A 265 7.37 -9.39 16.04
N ALA A 266 6.18 -8.83 16.14
CA ALA A 266 6.01 -7.68 17.00
C ALA A 266 6.25 -7.93 18.49
N SER A 267 6.89 -6.95 19.12
CA SER A 267 7.00 -6.91 20.55
C SER A 267 5.85 -6.03 21.13
N MET A 268 5.95 -4.74 20.97
CA MET A 268 4.82 -3.89 21.25
C MET A 268 3.88 -3.90 20.02
N VAL A 269 2.59 -3.66 20.29
CA VAL A 269 1.59 -3.57 19.26
C VAL A 269 0.82 -2.26 19.47
N GLN A 270 0.87 -1.41 18.46
CA GLN A 270 0.27 -0.10 18.50
C GLN A 270 -1.09 -0.05 17.74
N VAL A 271 -1.97 0.81 18.24
CA VAL A 271 -3.32 0.90 17.81
C VAL A 271 -3.62 2.35 17.45
N GLY A 272 -3.93 2.64 16.19
CA GLY A 272 -4.18 4.00 15.67
C GLY A 272 -5.66 4.13 15.42
N THR A 273 -6.06 3.86 14.19
CA THR A 273 -7.44 4.11 13.71
C THR A 273 -8.45 3.49 14.68
N ALA A 274 -8.28 2.25 15.08
CA ALA A 274 -9.30 1.60 15.92
C ALA A 274 -9.46 2.32 17.24
N LEU A 275 -8.36 2.84 17.80
CA LEU A 275 -8.37 3.62 19.03
C LEU A 275 -9.07 4.96 18.79
N GLN A 276 -8.72 5.64 17.75
CA GLN A 276 -9.41 6.88 17.34
C GLN A 276 -10.90 6.67 17.24
N GLU A 277 -11.37 5.53 16.74
CA GLU A 277 -12.76 5.27 16.55
C GLU A 277 -13.46 4.75 17.82
N GLU A 278 -12.83 3.88 18.59
CA GLU A 278 -13.49 3.25 19.68
C GLU A 278 -13.22 3.94 21.00
N GLY A 279 -12.08 4.63 21.13
CA GLY A 279 -11.65 5.18 22.38
C GLY A 279 -10.87 4.22 23.23
N PRO A 280 -10.36 4.70 24.36
CA PRO A 280 -9.39 3.91 25.12
C PRO A 280 -9.88 2.64 25.77
N GLY A 281 -11.17 2.47 25.86
CA GLY A 281 -11.71 1.20 26.32
C GLY A 281 -11.31 0.06 25.45
N ILE A 282 -10.88 0.34 24.23
CA ILE A 282 -10.41 -0.69 23.31
C ILE A 282 -9.31 -1.53 24.00
N PHE A 283 -8.48 -0.92 24.85
CA PHE A 283 -7.38 -1.70 25.41
C PHE A 283 -7.77 -2.86 26.31
N THR A 284 -8.88 -2.71 27.06
CA THR A 284 -9.33 -3.85 27.86
C THR A 284 -9.83 -4.99 26.96
N ARG A 285 -10.52 -4.64 25.90
CA ARG A 285 -11.08 -5.58 24.92
C ARG A 285 -9.95 -6.33 24.26
N LEU A 286 -8.92 -5.58 23.80
CA LEU A 286 -7.83 -6.23 23.11
C LEU A 286 -7.06 -7.19 24.02
N GLU A 287 -6.87 -6.79 25.26
CA GLU A 287 -6.22 -7.66 26.25
C GLU A 287 -6.99 -8.98 26.43
N ASP A 288 -8.27 -8.82 26.69
CA ASP A 288 -9.16 -10.00 26.89
C ASP A 288 -9.15 -10.93 25.69
N GLU A 289 -9.27 -10.33 24.50
CA GLU A 289 -9.32 -11.12 23.27
C GLU A 289 -8.02 -11.85 23.02
N LEU A 290 -6.90 -11.18 23.24
CA LEU A 290 -5.61 -11.81 23.07
C LEU A 290 -5.41 -12.98 24.08
N LEU A 291 -5.78 -12.74 25.33
CA LEU A 291 -5.66 -13.78 26.32
C LEU A 291 -6.57 -14.95 25.96
N GLU A 292 -7.75 -14.72 25.40
CA GLU A 292 -8.60 -15.84 25.08
C GLU A 292 -7.99 -16.72 23.97
N ILE A 293 -7.37 -16.09 22.96
CA ILE A 293 -6.68 -16.85 21.91
C ILE A 293 -5.52 -17.64 22.48
N MET A 294 -4.71 -17.00 23.32
CA MET A 294 -3.66 -17.70 23.99
C MET A 294 -4.19 -18.90 24.81
N ALA A 295 -5.26 -18.72 25.55
CA ALA A 295 -5.77 -19.85 26.39
C ALA A 295 -6.22 -21.02 25.49
N ARG A 296 -6.85 -20.72 24.36
CA ARG A 296 -7.31 -21.75 23.48
C ARG A 296 -6.17 -22.54 22.87
N LYS A 297 -5.08 -21.87 22.61
CA LYS A 297 -3.89 -22.46 22.03
C LYS A 297 -2.92 -22.99 23.02
N GLY A 298 -3.19 -22.80 24.29
CA GLY A 298 -2.24 -23.19 25.29
C GLY A 298 -0.95 -22.40 25.49
N TYR A 299 -0.88 -21.16 25.01
CA TYR A 299 0.24 -20.30 25.16
C TYR A 299 0.12 -19.55 26.50
N ARG A 300 1.22 -19.50 27.23
CA ARG A 300 1.23 -18.86 28.53
C ARG A 300 1.88 -17.48 28.50
N THR A 301 2.77 -17.26 27.53
CA THR A 301 3.47 -15.98 27.38
C THR A 301 3.59 -15.61 25.90
N LEU A 302 3.84 -14.33 25.69
CA LEU A 302 4.05 -13.80 24.33
C LEU A 302 5.27 -14.38 23.62
N GLU A 303 6.36 -14.66 24.36
CA GLU A 303 7.57 -15.18 23.73
C GLU A 303 7.37 -16.59 23.21
N GLU A 304 6.38 -17.31 23.69
CA GLU A 304 6.10 -18.60 23.14
C GLU A 304 5.73 -18.59 21.67
N PHE A 305 5.19 -17.47 21.13
CA PHE A 305 4.76 -17.41 19.75
C PHE A 305 5.24 -16.23 18.98
N ARG A 306 5.94 -15.27 19.60
CA ARG A 306 6.44 -14.13 18.88
C ARG A 306 7.43 -14.55 17.79
N GLY A 307 7.16 -14.12 16.58
CA GLY A 307 8.03 -14.39 15.44
C GLY A 307 7.88 -15.81 14.92
N ARG A 308 6.92 -16.56 15.44
CA ARG A 308 6.82 -18.01 15.14
C ARG A 308 5.83 -18.32 14.00
N VAL A 309 5.47 -17.31 13.18
CA VAL A 309 4.67 -17.57 11.98
C VAL A 309 5.32 -18.73 11.20
N LYS A 310 4.44 -19.64 10.73
CA LYS A 310 4.93 -20.78 9.94
C LYS A 310 4.87 -20.41 8.52
N THR A 311 5.82 -20.91 7.74
CA THR A 311 5.76 -20.83 6.28
C THR A 311 5.38 -22.22 5.73
N ILE A 312 5.02 -22.26 4.44
CA ILE A 312 4.61 -23.50 3.82
C ILE A 312 5.73 -24.18 3.09
N GLU A 313 5.87 -25.46 3.48
CA GLU A 313 6.85 -26.42 2.93
C GLU A 313 8.23 -25.80 2.96
N MET B 1 -28.41 5.02 -20.41
CA MET B 1 -29.06 4.17 -21.50
C MET B 1 -28.10 3.08 -21.99
N CYS B 2 -27.02 3.44 -22.70
CA CYS B 2 -25.94 2.43 -22.88
C CYS B 2 -24.61 3.07 -22.57
N LEU B 3 -23.64 2.18 -22.27
CA LEU B 3 -22.29 2.55 -21.70
C LEU B 3 -21.18 2.49 -22.76
N LYS B 4 -21.49 2.42 -24.08
CA LYS B 4 -20.50 2.23 -25.12
C LYS B 4 -19.65 3.50 -25.18
N LEU B 5 -18.36 3.28 -25.49
CA LEU B 5 -17.37 4.27 -25.70
C LEU B 5 -16.34 3.92 -26.77
N ASN B 6 -15.57 4.94 -27.22
CA ASN B 6 -14.56 4.82 -28.22
C ASN B 6 -13.33 5.34 -27.58
N LEU B 7 -12.24 4.58 -27.64
CA LEU B 7 -10.91 4.94 -27.16
C LEU B 7 -9.89 4.24 -28.06
N LEU B 8 -8.76 4.86 -28.26
CA LEU B 8 -7.66 4.25 -28.95
C LEU B 8 -8.09 3.71 -30.35
N ASP B 9 -8.99 4.38 -31.04
CA ASP B 9 -9.45 3.96 -32.37
C ASP B 9 -10.20 2.63 -32.35
N HIS B 10 -10.76 2.28 -31.21
CA HIS B 10 -11.63 1.14 -31.08
C HIS B 10 -12.93 1.49 -30.36
N VAL B 11 -13.96 0.70 -30.63
CA VAL B 11 -15.24 0.88 -29.97
C VAL B 11 -15.34 -0.22 -28.91
N PHE B 12 -15.87 0.21 -27.73
CA PHE B 12 -16.09 -0.67 -26.56
C PHE B 12 -17.56 -0.54 -26.15
N ALA B 13 -18.16 -1.68 -25.85
CA ALA B 13 -19.60 -1.75 -25.47
C ALA B 13 -19.78 -1.15 -24.10
N ASN B 14 -18.74 -1.20 -23.28
CA ASN B 14 -18.79 -0.70 -21.90
C ASN B 14 -17.32 -0.60 -21.45
N PRO B 15 -17.08 0.05 -20.32
CA PRO B 15 -15.70 0.24 -19.89
C PRO B 15 -15.05 -0.92 -19.15
N PHE B 16 -15.74 -2.02 -18.94
CA PHE B 16 -15.22 -3.10 -18.14
C PHE B 16 -14.39 -4.09 -18.91
N MET B 17 -13.34 -4.58 -18.20
CA MET B 17 -12.55 -5.70 -18.68
C MET B 17 -11.96 -6.44 -17.52
N ASN B 18 -11.37 -7.62 -17.81
CA ASN B 18 -10.62 -8.31 -16.81
C ASN B 18 -9.31 -7.54 -16.59
N ALA B 19 -8.75 -7.77 -15.43
CA ALA B 19 -7.40 -7.37 -15.10
C ALA B 19 -6.48 -8.44 -15.66
N ALA B 20 -5.30 -8.04 -16.18
CA ALA B 20 -4.36 -9.01 -16.58
C ALA B 20 -4.07 -10.02 -15.50
N GLY B 21 -3.99 -11.26 -15.95
CA GLY B 21 -3.68 -12.36 -15.08
C GLY B 21 -4.89 -13.14 -14.55
N VAL B 22 -6.06 -12.50 -14.62
CA VAL B 22 -7.28 -13.16 -14.18
C VAL B 22 -8.16 -13.59 -15.35
N LEU B 23 -8.48 -14.86 -15.37
CA LEU B 23 -9.32 -15.44 -16.39
C LEU B 23 -8.84 -15.20 -17.83
N CYS B 24 -7.54 -15.39 -18.03
CA CYS B 24 -7.00 -15.04 -19.30
C CYS B 24 -5.73 -15.76 -19.73
N SER B 25 -5.49 -16.92 -19.12
CA SER B 25 -4.23 -17.63 -19.34
C SER B 25 -4.27 -18.67 -20.46
N THR B 26 -5.36 -19.36 -20.55
CA THR B 26 -5.53 -20.36 -21.55
C THR B 26 -6.55 -19.96 -22.65
N GLU B 27 -6.62 -20.75 -23.72
CA GLU B 27 -7.53 -20.46 -24.77
C GLU B 27 -8.96 -20.53 -24.19
N GLU B 28 -9.20 -21.52 -23.35
CA GLU B 28 -10.50 -21.64 -22.66
C GLU B 28 -10.84 -20.34 -21.93
N ASP B 29 -9.86 -19.83 -21.18
CA ASP B 29 -10.14 -18.58 -20.40
C ASP B 29 -10.47 -17.41 -21.34
N LEU B 30 -9.66 -17.24 -22.42
CA LEU B 30 -9.84 -16.15 -23.35
C LEU B 30 -11.17 -16.25 -24.07
N ARG B 31 -11.59 -17.48 -24.42
CA ARG B 31 -12.91 -17.69 -25.01
C ARG B 31 -14.04 -17.34 -24.05
N CYS B 32 -13.84 -17.64 -22.78
CA CYS B 32 -14.82 -17.32 -21.71
C CYS B 32 -14.92 -15.81 -21.55
N MET B 33 -13.80 -15.13 -21.44
CA MET B 33 -13.82 -13.67 -21.33
C MET B 33 -14.45 -13.09 -22.59
N THR B 34 -14.21 -13.67 -23.76
CA THR B 34 -14.77 -13.13 -24.95
C THR B 34 -16.31 -13.28 -24.97
N ALA B 35 -16.79 -14.40 -24.46
CA ALA B 35 -18.23 -14.65 -24.40
C ALA B 35 -18.95 -13.85 -23.34
N SER B 36 -18.21 -13.32 -22.37
CA SER B 36 -18.81 -12.51 -21.33
C SER B 36 -19.31 -11.14 -21.83
N SER B 37 -19.96 -10.41 -20.94
CA SER B 37 -20.46 -9.06 -21.26
C SER B 37 -19.42 -8.01 -21.11
N SER B 38 -18.15 -8.38 -20.82
CA SER B 38 -17.09 -7.30 -20.73
C SER B 38 -16.97 -6.56 -22.04
N GLY B 39 -16.55 -5.33 -21.92
CA GLY B 39 -16.25 -4.50 -23.07
C GLY B 39 -14.98 -4.80 -23.82
N ALA B 40 -14.05 -5.43 -23.13
CA ALA B 40 -12.73 -5.83 -23.69
C ALA B 40 -12.18 -6.99 -22.85
N LEU B 41 -11.04 -7.51 -23.25
CA LEU B 41 -10.28 -8.48 -22.45
C LEU B 41 -8.83 -8.23 -22.65
N VAL B 42 -8.03 -8.68 -21.70
CA VAL B 42 -6.57 -8.63 -21.76
C VAL B 42 -6.03 -10.02 -21.46
N SER B 43 -4.94 -10.41 -22.13
CA SER B 43 -4.40 -11.72 -21.95
C SER B 43 -3.47 -11.67 -20.72
N LYS B 44 -3.11 -12.82 -20.22
CA LYS B 44 -2.10 -13.07 -19.15
C LYS B 44 -0.77 -12.49 -19.54
N SER B 45 -0.10 -11.75 -18.67
CA SER B 45 1.26 -11.22 -19.08
C SER B 45 2.14 -12.44 -19.47
N CYS B 46 2.84 -12.26 -20.61
CA CYS B 46 3.62 -13.36 -21.13
C CYS B 46 5.07 -13.06 -21.25
N THR B 47 5.79 -14.15 -21.36
CA THR B 47 7.23 -14.20 -21.53
C THR B 47 7.48 -14.94 -22.88
N SER B 48 8.72 -14.86 -23.37
CA SER B 48 9.04 -15.47 -24.67
C SER B 48 8.82 -16.95 -24.63
N ALA B 49 9.22 -17.59 -23.55
CA ALA B 49 8.98 -19.00 -23.33
C ALA B 49 7.86 -19.25 -22.30
N PRO B 50 7.19 -20.40 -22.39
CA PRO B 50 6.22 -20.78 -21.36
C PRO B 50 6.87 -20.85 -19.99
N ARG B 51 6.06 -20.62 -18.93
CA ARG B 51 6.49 -20.74 -17.56
C ARG B 51 5.45 -21.49 -16.76
N ASP B 52 5.95 -22.28 -15.78
CA ASP B 52 5.05 -23.00 -14.91
C ASP B 52 4.63 -22.10 -13.73
N GLY B 53 5.40 -21.06 -13.45
CA GLY B 53 5.15 -20.24 -12.26
C GLY B 53 5.62 -20.91 -10.99
N ASN B 54 5.19 -20.34 -9.87
CA ASN B 54 5.58 -20.76 -8.51
C ASN B 54 4.79 -21.91 -7.97
N PRO B 55 5.33 -22.57 -6.93
CA PRO B 55 4.57 -23.62 -6.26
C PRO B 55 3.24 -23.20 -5.64
N GLU B 56 2.30 -24.12 -5.61
CA GLU B 56 0.94 -23.90 -5.08
C GLU B 56 0.91 -24.27 -3.61
N PRO B 57 0.08 -23.62 -2.80
CA PRO B 57 -0.86 -22.57 -3.14
C PRO B 57 -0.18 -21.22 -3.38
N ARG B 58 -0.61 -20.55 -4.41
CA ARG B 58 0.05 -19.28 -4.86
C ARG B 58 -0.96 -18.11 -5.00
N TYR B 59 -2.26 -18.37 -4.82
CA TYR B 59 -3.32 -17.37 -4.73
C TYR B 59 -4.24 -17.79 -3.60
N MET B 60 -4.69 -16.80 -2.81
CA MET B 60 -5.75 -16.97 -1.84
C MET B 60 -6.59 -15.74 -1.72
N ALA B 61 -7.86 -15.94 -1.48
CA ALA B 61 -8.82 -14.85 -1.34
C ALA B 61 -9.60 -14.94 -0.09
N PHE B 62 -9.99 -13.76 0.36
CA PHE B 62 -10.63 -13.51 1.65
C PHE B 62 -11.63 -12.40 1.48
N PRO B 63 -12.46 -12.12 2.52
CA PRO B 63 -13.50 -11.17 2.34
C PRO B 63 -13.01 -9.82 1.92
N LEU B 64 -11.82 -9.41 2.35
CA LEU B 64 -11.31 -8.13 1.98
C LEU B 64 -10.40 -8.05 0.77
N GLY B 65 -10.09 -9.21 0.21
CA GLY B 65 -9.31 -9.25 -1.02
C GLY B 65 -8.47 -10.48 -1.20
N SER B 66 -7.37 -10.32 -1.91
CA SER B 66 -6.55 -11.46 -2.33
C SER B 66 -5.08 -11.19 -2.18
N ILE B 67 -4.35 -12.27 -2.11
CA ILE B 67 -2.88 -12.26 -2.13
C ILE B 67 -2.38 -13.30 -3.15
N ASN B 68 -1.38 -12.92 -3.91
CA ASN B 68 -0.81 -13.83 -4.94
C ASN B 68 0.65 -13.70 -5.15
N SER B 69 1.26 -14.88 -5.36
CA SER B 69 2.63 -14.93 -5.89
C SER B 69 2.63 -15.95 -6.99
N MET B 70 1.91 -15.63 -8.04
CA MET B 70 1.74 -16.62 -9.13
C MET B 70 3.06 -16.97 -9.79
N GLY B 71 3.95 -16.01 -9.97
CA GLY B 71 5.21 -16.28 -10.65
C GLY B 71 5.17 -16.25 -12.14
N LEU B 72 4.27 -15.49 -12.73
CA LEU B 72 4.19 -15.36 -14.15
C LEU B 72 3.99 -16.67 -14.93
N PRO B 73 3.13 -17.55 -14.42
CA PRO B 73 2.84 -18.73 -15.22
C PRO B 73 2.15 -18.30 -16.49
N ASN B 74 2.50 -18.86 -17.67
CA ASN B 74 1.84 -18.43 -18.91
C ASN B 74 2.22 -19.42 -19.98
N LEU B 75 1.47 -19.39 -21.05
CA LEU B 75 1.66 -20.31 -22.14
C LEU B 75 2.75 -19.89 -23.14
N GLY B 76 3.38 -18.75 -22.94
CA GLY B 76 4.39 -18.24 -23.79
C GLY B 76 3.85 -17.34 -24.88
N PHE B 77 4.70 -16.40 -25.28
CA PHE B 77 4.29 -15.38 -26.27
C PHE B 77 3.74 -15.96 -27.57
N ASP B 78 4.34 -17.05 -28.09
CA ASP B 78 3.84 -17.58 -29.29
C ASP B 78 2.34 -17.96 -29.26
N PHE B 79 1.89 -18.47 -28.11
CA PHE B 79 0.53 -18.80 -27.92
C PHE B 79 -0.38 -17.56 -27.95
N TYR B 80 -0.02 -16.53 -27.16
CA TYR B 80 -0.88 -15.31 -27.13
C TYR B 80 -0.92 -14.58 -28.43
N LEU B 81 0.20 -14.61 -29.14
CA LEU B 81 0.29 -13.99 -30.46
C LEU B 81 -0.58 -14.73 -31.47
N LYS B 82 -0.59 -16.04 -31.41
CA LYS B 82 -1.45 -16.86 -32.28
C LYS B 82 -2.92 -16.61 -31.92
N TYR B 83 -3.23 -16.52 -30.63
CA TYR B 83 -4.61 -16.14 -30.26
C TYR B 83 -5.01 -14.82 -30.85
N ALA B 84 -4.12 -13.82 -30.71
CA ALA B 84 -4.41 -12.49 -31.27
C ALA B 84 -4.55 -12.49 -32.83
N SER B 85 -3.72 -13.31 -33.48
CA SER B 85 -3.60 -13.33 -34.91
C SER B 85 -4.67 -14.17 -35.59
N ASP B 86 -5.00 -15.32 -35.02
CA ASP B 86 -5.82 -16.34 -35.68
C ASP B 86 -7.11 -16.66 -34.97
N LEU B 87 -7.18 -16.55 -33.63
CA LEU B 87 -8.32 -17.10 -32.88
C LEU B 87 -9.36 -16.08 -32.38
N HIS B 88 -8.90 -14.91 -32.02
CA HIS B 88 -9.77 -13.94 -31.34
C HIS B 88 -10.74 -13.42 -32.33
N ASP B 89 -11.98 -13.30 -31.87
CA ASP B 89 -13.01 -12.74 -32.72
C ASP B 89 -13.17 -11.21 -32.43
N TYR B 90 -12.56 -10.34 -33.25
CA TYR B 90 -12.54 -8.92 -33.04
C TYR B 90 -13.91 -8.25 -33.17
N SER B 91 -14.85 -8.98 -33.73
CA SER B 91 -16.22 -8.49 -33.89
C SER B 91 -16.93 -8.47 -32.55
N LYS B 92 -16.45 -9.28 -31.61
CA LYS B 92 -17.05 -9.41 -30.30
C LYS B 92 -16.60 -8.26 -29.35
N LYS B 93 -15.27 -7.97 -29.34
CA LYS B 93 -14.69 -6.92 -28.48
C LYS B 93 -13.19 -6.81 -28.73
N PRO B 94 -12.61 -5.70 -28.33
CA PRO B 94 -11.22 -5.53 -28.46
C PRO B 94 -10.40 -6.40 -27.56
N LEU B 95 -9.19 -6.68 -28.01
CA LEU B 95 -8.23 -7.50 -27.28
C LEU B 95 -6.96 -6.70 -26.95
N PHE B 96 -6.51 -6.79 -25.68
CA PHE B 96 -5.23 -6.30 -25.27
C PHE B 96 -4.33 -7.48 -24.97
N LEU B 97 -3.08 -7.43 -25.41
CA LEU B 97 -2.13 -8.43 -25.08
C LEU B 97 -1.10 -7.85 -24.03
N SER B 98 -0.89 -8.52 -22.91
CA SER B 98 0.03 -8.03 -21.85
C SER B 98 1.34 -8.77 -22.02
N ILE B 99 2.43 -7.99 -22.09
CA ILE B 99 3.77 -8.56 -22.14
C ILE B 99 4.54 -8.22 -20.88
N SER B 100 5.28 -9.19 -20.36
CA SER B 100 6.16 -8.99 -19.20
C SER B 100 7.44 -9.78 -19.31
N GLY B 101 8.26 -9.38 -20.26
CA GLY B 101 9.60 -9.99 -20.42
C GLY B 101 10.47 -9.70 -19.23
N LEU B 102 11.41 -10.61 -18.95
CA LEU B 102 12.32 -10.48 -17.80
C LEU B 102 13.56 -9.57 -18.05
N SER B 103 13.68 -9.02 -19.27
CA SER B 103 14.70 -8.02 -19.63
C SER B 103 14.17 -7.16 -20.73
N VAL B 104 14.83 -6.05 -20.95
CA VAL B 104 14.46 -5.18 -22.01
C VAL B 104 14.56 -5.89 -23.36
N GLU B 105 15.62 -6.70 -23.54
CA GLU B 105 15.77 -7.38 -24.81
C GLU B 105 14.63 -8.33 -25.18
N GLU B 106 14.14 -9.03 -24.17
CA GLU B 106 13.03 -9.98 -24.35
C GLU B 106 11.75 -9.22 -24.71
N ASN B 107 11.51 -8.12 -24.02
CA ASN B 107 10.34 -7.24 -24.43
C ASN B 107 10.48 -6.70 -25.84
N VAL B 108 11.70 -6.25 -26.22
CA VAL B 108 11.90 -5.75 -27.59
C VAL B 108 11.63 -6.89 -28.61
N ALA B 109 12.11 -8.09 -28.34
CA ALA B 109 11.89 -9.18 -29.25
C ALA B 109 10.42 -9.53 -29.43
N MET B 110 9.64 -9.48 -28.35
CA MET B 110 8.20 -9.78 -28.44
C MET B 110 7.48 -8.65 -29.19
N VAL B 111 7.76 -7.37 -28.84
CA VAL B 111 6.99 -6.28 -29.46
C VAL B 111 7.27 -6.11 -30.98
N ARG B 112 8.47 -6.53 -31.40
CA ARG B 112 8.81 -6.46 -32.85
C ARG B 112 7.92 -7.43 -33.60
N ARG B 113 7.59 -8.57 -32.99
CA ARG B 113 6.67 -9.56 -33.62
C ARG B 113 5.18 -9.19 -33.51
N LEU B 114 4.82 -8.47 -32.40
CA LEU B 114 3.46 -8.07 -32.20
C LEU B 114 3.08 -6.98 -33.14
N ALA B 115 4.04 -6.07 -33.50
CA ALA B 115 3.67 -4.90 -34.32
C ALA B 115 2.84 -5.16 -35.56
N PRO B 116 3.26 -6.13 -36.45
CA PRO B 116 2.38 -6.34 -37.60
C PRO B 116 1.05 -6.91 -37.35
N VAL B 117 0.90 -7.71 -36.30
CA VAL B 117 -0.40 -8.17 -35.84
C VAL B 117 -1.31 -7.05 -35.27
N ALA B 118 -0.73 -6.12 -34.51
CA ALA B 118 -1.38 -4.89 -34.09
C ALA B 118 -1.88 -4.10 -35.33
N GLN B 119 -1.01 -3.91 -36.34
CA GLN B 119 -1.42 -3.20 -37.55
C GLN B 119 -2.54 -3.90 -38.29
N GLU B 120 -2.45 -5.20 -38.43
CA GLU B 120 -3.43 -5.93 -39.25
C GLU B 120 -4.74 -6.19 -38.52
N LYS B 121 -4.65 -6.57 -37.25
CA LYS B 121 -5.83 -6.98 -36.49
C LYS B 121 -6.32 -5.98 -35.44
N GLY B 122 -5.46 -5.06 -35.02
CA GLY B 122 -5.91 -4.04 -34.04
C GLY B 122 -5.73 -4.51 -32.57
N VAL B 123 -5.09 -5.63 -32.31
CA VAL B 123 -4.70 -6.00 -30.92
C VAL B 123 -3.89 -4.86 -30.27
N LEU B 124 -4.13 -4.57 -28.99
CA LEU B 124 -3.50 -3.50 -28.28
C LEU B 124 -2.49 -4.01 -27.28
N LEU B 125 -1.38 -3.34 -27.15
CA LEU B 125 -0.30 -3.79 -26.24
C LEU B 125 -0.41 -3.10 -24.87
N GLU B 126 -0.35 -3.90 -23.82
CA GLU B 126 -0.17 -3.47 -22.41
C GLU B 126 1.14 -3.98 -21.93
N LEU B 127 2.11 -3.09 -21.71
CA LEU B 127 3.43 -3.52 -21.23
C LEU B 127 3.45 -3.51 -19.74
N ASN B 128 3.66 -4.69 -19.13
CA ASN B 128 3.66 -4.76 -17.65
C ASN B 128 5.06 -4.46 -17.11
N LEU B 129 5.19 -3.31 -16.46
CA LEU B 129 6.49 -2.95 -15.84
C LEU B 129 6.84 -3.64 -14.52
N SER B 130 5.98 -4.53 -13.98
CA SER B 130 6.32 -5.41 -12.81
C SER B 130 6.94 -6.78 -13.20
N CYS B 131 7.81 -7.33 -12.38
CA CYS B 131 8.55 -8.56 -12.74
C CYS B 131 8.94 -9.34 -11.46
N PRO B 132 9.27 -10.66 -11.59
CA PRO B 132 9.83 -11.35 -10.40
C PRO B 132 11.03 -10.60 -9.76
N ASN B 133 11.11 -10.62 -8.42
CA ASN B 133 12.17 -9.90 -7.73
C ASN B 133 13.53 -10.54 -8.01
N VAL B 134 14.51 -9.67 -8.14
CA VAL B 134 15.92 -10.06 -8.35
C VAL B 134 16.71 -9.43 -7.19
N PRO B 135 17.40 -10.25 -6.36
CA PRO B 135 18.14 -9.61 -5.26
C PRO B 135 19.07 -8.48 -5.75
N GLY B 136 19.05 -7.38 -4.99
CA GLY B 136 19.89 -6.27 -5.30
C GLY B 136 19.32 -5.19 -6.21
N LYS B 137 18.16 -5.40 -6.86
CA LYS B 137 17.57 -4.24 -7.60
C LYS B 137 16.04 -4.21 -7.51
N PRO B 138 15.46 -3.02 -7.59
CA PRO B 138 13.97 -2.95 -7.40
C PRO B 138 13.24 -3.28 -8.69
N GLN B 139 11.93 -3.51 -8.63
CA GLN B 139 11.10 -3.70 -9.82
C GLN B 139 11.35 -2.51 -10.71
N VAL B 140 11.18 -2.71 -12.01
CA VAL B 140 11.49 -1.71 -12.98
C VAL B 140 10.73 -0.38 -12.80
N ALA B 141 9.46 -0.44 -12.47
CA ALA B 141 8.70 0.80 -12.32
C ALA B 141 9.11 1.60 -11.09
N TYR B 142 9.88 0.96 -10.20
CA TYR B 142 10.39 1.61 -9.00
C TYR B 142 11.88 2.02 -9.16
N ASP B 143 12.38 1.84 -10.37
CA ASP B 143 13.70 2.31 -10.78
C ASP B 143 13.51 3.17 -12.04
N PHE B 144 13.46 4.46 -11.88
CA PHE B 144 12.99 5.34 -12.91
C PHE B 144 13.91 5.33 -14.13
N GLU B 145 15.20 5.17 -13.89
CA GLU B 145 16.12 5.04 -14.99
C GLU B 145 15.86 3.79 -15.82
N ALA B 146 15.61 2.66 -15.17
CA ALA B 146 15.28 1.49 -15.90
C ALA B 146 13.99 1.63 -16.69
N MET B 147 12.97 2.26 -16.02
CA MET B 147 11.70 2.45 -16.62
C MET B 147 11.85 3.23 -17.94
N ARG B 148 12.64 4.31 -17.89
CA ARG B 148 12.89 5.17 -19.08
C ARG B 148 13.54 4.33 -20.22
N THR B 149 14.49 3.48 -19.85
CA THR B 149 15.13 2.55 -20.84
C THR B 149 14.18 1.57 -21.47
N TYR B 150 13.32 0.98 -20.65
CA TYR B 150 12.37 0.07 -21.18
C TYR B 150 11.46 0.77 -22.16
N LEU B 151 10.94 1.93 -21.77
CA LEU B 151 10.00 2.62 -22.63
C LEU B 151 10.67 3.15 -23.88
N GLN B 152 11.93 3.56 -23.76
CA GLN B 152 12.66 4.04 -24.96
C GLN B 152 12.84 2.91 -26.00
N GLN B 153 13.26 1.77 -25.49
CA GLN B 153 13.50 0.60 -26.35
C GLN B 153 12.23 0.03 -26.93
N VAL B 154 11.15 -0.01 -26.14
CA VAL B 154 9.91 -0.58 -26.61
C VAL B 154 9.29 0.35 -27.59
N SER B 155 9.32 1.64 -27.31
CA SER B 155 8.77 2.61 -28.22
C SER B 155 9.47 2.46 -29.59
N LEU B 156 10.80 2.37 -29.58
CA LEU B 156 11.57 2.24 -30.83
C LEU B 156 11.19 0.97 -31.58
N ALA B 157 11.16 -0.12 -30.85
CA ALA B 157 10.96 -1.46 -31.44
C ALA B 157 9.53 -1.65 -31.96
N TYR B 158 8.51 -1.07 -31.27
CA TYR B 158 7.13 -1.32 -31.54
C TYR B 158 6.63 -0.29 -32.52
N GLY B 159 6.88 0.98 -32.21
CA GLY B 159 6.47 2.08 -33.12
C GLY B 159 5.02 2.47 -33.24
N LEU B 160 4.15 1.87 -32.39
CA LEU B 160 2.71 2.07 -32.44
C LEU B 160 2.26 2.46 -31.03
N PRO B 161 1.09 3.04 -30.91
CA PRO B 161 0.52 3.36 -29.56
C PRO B 161 0.40 2.11 -28.73
N PHE B 162 0.75 2.25 -27.45
CA PHE B 162 0.69 1.16 -26.47
C PHE B 162 0.41 1.74 -25.08
N GLY B 163 0.14 0.87 -24.10
CA GLY B 163 0.01 1.23 -22.69
C GLY B 163 0.94 0.55 -21.81
N VAL B 164 0.98 1.02 -20.58
CA VAL B 164 1.82 0.48 -19.60
C VAL B 164 1.02 0.19 -18.31
N LYS B 165 1.21 -1.00 -17.75
CA LYS B 165 0.63 -1.37 -16.44
C LYS B 165 1.65 -0.98 -15.37
N MET B 166 1.18 -0.14 -14.42
CA MET B 166 2.00 0.42 -13.36
C MET B 166 1.70 -0.18 -11.98
N PRO B 167 2.71 -0.39 -11.15
CA PRO B 167 2.46 -0.65 -9.77
C PRO B 167 2.06 0.65 -9.08
N PRO B 168 1.45 0.53 -7.90
CA PRO B 168 1.15 1.75 -7.13
C PRO B 168 2.36 2.49 -6.57
N TYR B 169 2.18 3.78 -6.53
CA TYR B 169 3.10 4.68 -5.76
C TYR B 169 2.41 5.30 -4.56
N PHE B 170 3.22 5.78 -3.66
CA PHE B 170 2.76 6.18 -2.29
C PHE B 170 3.32 7.51 -1.87
N ASP B 171 3.92 8.23 -2.78
CA ASP B 171 4.66 9.43 -2.38
C ASP B 171 4.42 10.40 -3.56
N ILE B 172 4.10 11.64 -3.25
CA ILE B 172 3.82 12.61 -4.31
C ILE B 172 5.00 12.87 -5.20
N ALA B 173 6.20 12.88 -4.63
CA ALA B 173 7.39 13.05 -5.49
C ALA B 173 7.52 11.93 -6.51
N HIS B 174 7.20 10.71 -6.08
CA HIS B 174 7.24 9.59 -6.99
C HIS B 174 6.20 9.74 -8.11
N PHE B 175 5.04 10.26 -7.75
CA PHE B 175 4.03 10.46 -8.77
C PHE B 175 4.58 11.47 -9.81
N ASP B 176 5.20 12.53 -9.31
CA ASP B 176 5.73 13.53 -10.22
C ASP B 176 6.82 12.90 -11.14
N THR B 177 7.72 12.11 -10.57
CA THR B 177 8.79 11.53 -11.36
C THR B 177 8.27 10.52 -12.39
N ALA B 178 7.38 9.66 -11.91
CA ALA B 178 6.91 8.55 -12.77
C ALA B 178 6.17 9.18 -13.92
N ALA B 179 5.30 10.19 -13.66
CA ALA B 179 4.51 10.76 -14.71
C ALA B 179 5.40 11.52 -15.73
N ALA B 180 6.46 12.15 -15.22
CA ALA B 180 7.41 12.84 -16.11
C ALA B 180 8.07 11.87 -16.99
N VAL B 181 8.45 10.70 -16.49
CA VAL B 181 9.01 9.66 -17.38
C VAL B 181 8.01 9.29 -18.45
N LEU B 182 6.76 8.93 -18.03
CA LEU B 182 5.79 8.51 -18.99
C LEU B 182 5.50 9.55 -20.05
N ASN B 183 5.53 10.80 -19.64
CA ASN B 183 5.18 11.85 -20.58
C ASN B 183 6.34 12.14 -21.62
N GLU B 184 7.47 11.48 -21.46
CA GLU B 184 8.59 11.55 -22.44
C GLU B 184 8.22 10.78 -23.68
N PHE B 185 7.26 9.88 -23.54
CA PHE B 185 6.93 8.89 -24.59
C PHE B 185 5.59 9.07 -25.19
N PRO B 186 5.52 9.68 -26.34
CA PRO B 186 4.26 9.95 -26.96
C PRO B 186 3.46 8.72 -27.40
N LEU B 187 4.12 7.62 -27.68
CA LEU B 187 3.41 6.37 -28.06
C LEU B 187 2.74 5.70 -26.85
N VAL B 188 3.09 6.15 -25.61
CA VAL B 188 2.39 5.59 -24.43
C VAL B 188 1.08 6.31 -24.38
N LYS B 189 0.02 5.66 -24.80
CA LYS B 189 -1.26 6.36 -24.90
C LYS B 189 -2.23 6.00 -23.76
N PHE B 190 -1.89 4.97 -22.97
CA PHE B 190 -2.71 4.68 -21.78
C PHE B 190 -1.83 4.15 -20.69
N VAL B 191 -2.25 4.45 -19.45
CA VAL B 191 -1.51 4.04 -18.30
C VAL B 191 -2.56 3.24 -17.49
N THR B 192 -2.25 2.05 -17.03
CA THR B 192 -3.20 1.28 -16.19
C THR B 192 -2.68 1.29 -14.79
N CYS B 193 -3.52 1.88 -13.92
CA CYS B 193 -3.19 2.07 -12.49
C CYS B 193 -4.25 1.32 -11.70
N VAL B 194 -3.96 0.25 -10.96
CA VAL B 194 -2.67 -0.22 -10.54
C VAL B 194 -2.59 -1.73 -10.66
N ASN B 195 -1.32 -2.20 -10.67
CA ASN B 195 -0.99 -3.60 -10.30
C ASN B 195 -1.22 -3.86 -8.80
N SER B 196 -1.06 -5.07 -8.36
CA SER B 196 -1.25 -5.38 -6.97
C SER B 196 -0.34 -4.58 -6.06
N VAL B 197 -0.78 -4.35 -4.85
CA VAL B 197 0.05 -3.65 -3.84
C VAL B 197 1.13 -4.68 -3.36
N GLY B 198 2.40 -4.41 -3.62
CA GLY B 198 3.41 -5.43 -3.45
C GLY B 198 3.72 -5.87 -2.10
N ASN B 199 4.01 -7.17 -2.04
CA ASN B 199 4.60 -7.75 -0.82
C ASN B 199 3.83 -7.49 0.48
N GLY B 200 2.54 -7.79 0.43
CA GLY B 200 1.83 -7.98 1.65
C GLY B 200 1.97 -9.39 2.18
N LEU B 201 1.42 -9.60 3.35
CA LEU B 201 1.54 -10.86 4.05
C LEU B 201 0.28 -11.11 4.82
N VAL B 202 -0.37 -12.21 4.43
CA VAL B 202 -1.61 -12.67 5.07
C VAL B 202 -1.24 -13.90 5.91
N ILE B 203 -1.70 -13.85 7.15
CA ILE B 203 -1.45 -14.93 8.12
C ILE B 203 -2.78 -15.42 8.64
N ASP B 204 -2.89 -16.74 8.76
CA ASP B 204 -4.08 -17.40 9.29
C ASP B 204 -3.88 -17.65 10.79
N ALA B 205 -4.76 -17.09 11.60
CA ALA B 205 -4.60 -17.20 13.02
C ALA B 205 -4.71 -18.62 13.57
N GLU B 206 -5.63 -19.38 13.03
CA GLU B 206 -5.79 -20.73 13.58
C GLU B 206 -4.56 -21.64 13.39
N SER B 207 -4.06 -21.62 12.17
CA SER B 207 -2.92 -22.42 11.80
C SER B 207 -1.57 -21.83 12.12
N GLU B 208 -1.59 -20.53 12.40
CA GLU B 208 -0.41 -19.71 12.68
C GLU B 208 0.57 -19.71 11.50
N SER B 209 0.01 -19.82 10.31
CA SER B 209 0.75 -19.99 9.08
C SER B 209 0.41 -18.95 8.05
N VAL B 210 1.39 -18.60 7.26
CA VAL B 210 1.11 -17.85 6.03
C VAL B 210 0.21 -18.70 5.09
N VAL B 211 -0.41 -18.07 4.06
CA VAL B 211 -1.44 -18.76 3.28
C VAL B 211 -1.05 -19.08 1.91
N ILE B 212 0.07 -18.55 1.44
CA ILE B 212 0.64 -18.89 0.13
C ILE B 212 2.08 -19.44 0.38
N LYS B 213 2.46 -20.39 -0.48
CA LYS B 213 3.74 -21.09 -0.30
C LYS B 213 4.97 -20.30 -0.82
N PRO B 214 4.89 -19.63 -2.00
CA PRO B 214 6.11 -18.92 -2.42
C PRO B 214 6.51 -17.77 -1.51
N LYS B 215 7.81 -17.44 -1.52
CA LYS B 215 8.31 -16.20 -0.93
C LYS B 215 7.93 -16.02 0.52
N GLN B 216 7.94 -17.12 1.29
CA GLN B 216 7.58 -17.14 2.68
C GLN B 216 6.24 -16.43 3.00
N GLY B 217 5.34 -16.56 2.11
CA GLY B 217 3.97 -16.05 2.22
C GLY B 217 3.74 -14.64 1.64
N PHE B 218 4.77 -13.95 1.23
CA PHE B 218 4.66 -12.57 0.73
C PHE B 218 4.08 -12.59 -0.69
N GLY B 219 3.17 -11.69 -1.01
CA GLY B 219 2.62 -11.64 -2.32
C GLY B 219 1.84 -10.35 -2.55
N GLY B 220 1.46 -10.12 -3.77
CA GLY B 220 0.77 -8.89 -4.14
C GLY B 220 -0.68 -8.93 -3.64
N LEU B 221 -1.15 -7.78 -3.19
CA LEU B 221 -2.54 -7.65 -2.66
C LEU B 221 -3.44 -7.02 -3.68
N GLY B 222 -4.64 -7.60 -3.77
CA GLY B 222 -5.72 -7.03 -4.53
C GLY B 222 -7.01 -7.00 -3.77
N GLY B 223 -8.00 -6.35 -4.35
CA GLY B 223 -9.31 -6.29 -3.78
C GLY B 223 -9.61 -5.11 -2.85
N LYS B 224 -10.50 -5.31 -1.86
CA LYS B 224 -10.93 -4.16 -1.06
C LYS B 224 -9.84 -3.42 -0.32
N TYR B 225 -8.76 -4.14 0.02
CA TYR B 225 -7.69 -3.55 0.67
C TYR B 225 -7.12 -2.34 -0.12
N ILE B 226 -7.22 -2.38 -1.46
CA ILE B 226 -6.41 -1.47 -2.28
C ILE B 226 -7.18 -0.40 -3.02
N LEU B 227 -8.48 -0.31 -2.81
CA LEU B 227 -9.28 0.68 -3.51
C LEU B 227 -8.81 2.11 -3.35
N PRO B 228 -8.58 2.58 -2.12
CA PRO B 228 -8.18 3.99 -2.06
C PRO B 228 -6.77 4.28 -2.71
N THR B 229 -5.89 3.30 -2.62
CA THR B 229 -4.56 3.28 -3.25
C THR B 229 -4.78 3.42 -4.76
N ALA B 230 -5.65 2.58 -5.30
CA ALA B 230 -5.93 2.55 -6.74
C ALA B 230 -6.51 3.86 -7.23
N LEU B 231 -7.50 4.41 -6.48
CA LEU B 231 -8.06 5.70 -6.83
C LEU B 231 -7.07 6.80 -6.82
N ALA B 232 -6.17 6.79 -5.84
CA ALA B 232 -5.15 7.82 -5.75
C ALA B 232 -4.20 7.77 -6.94
N ASN B 233 -3.79 6.57 -7.36
CA ASN B 233 -2.93 6.52 -8.49
C ASN B 233 -3.62 6.89 -9.77
N VAL B 234 -4.85 6.41 -9.95
CA VAL B 234 -5.66 6.80 -11.15
C VAL B 234 -5.68 8.35 -11.20
N ASN B 235 -6.06 9.01 -10.14
CA ASN B 235 -6.27 10.46 -10.20
C ASN B 235 -4.92 11.19 -10.34
N ALA B 236 -3.87 10.65 -9.65
CA ALA B 236 -2.57 11.31 -9.75
C ALA B 236 -2.07 11.31 -11.16
N PHE B 237 -2.19 10.16 -11.87
CA PHE B 237 -1.77 10.10 -13.28
C PHE B 237 -2.75 10.79 -14.21
N TYR B 238 -4.02 10.82 -13.91
CA TYR B 238 -5.03 11.53 -14.75
C TYR B 238 -4.66 12.99 -14.74
N ARG B 239 -4.28 13.52 -13.58
CA ARG B 239 -3.94 14.95 -13.47
C ARG B 239 -2.61 15.20 -14.21
N ARG B 240 -1.66 14.29 -14.12
CA ARG B 240 -0.31 14.57 -14.58
C ARG B 240 -0.09 14.22 -16.04
N CYS B 241 -1.03 13.49 -16.65
CA CYS B 241 -0.79 12.95 -18.04
C CYS B 241 -1.98 13.31 -18.86
N PRO B 242 -2.16 14.61 -19.13
CA PRO B 242 -3.35 15.01 -19.86
C PRO B 242 -3.47 14.54 -21.26
N ASP B 243 -2.41 14.11 -21.95
CA ASP B 243 -2.53 13.59 -23.29
C ASP B 243 -2.61 12.07 -23.35
N LYS B 244 -2.77 11.43 -22.19
CA LYS B 244 -2.90 9.99 -22.13
C LYS B 244 -4.26 9.62 -21.53
N LEU B 245 -4.69 8.40 -21.78
CA LEU B 245 -5.84 7.81 -21.08
C LEU B 245 -5.26 7.14 -19.81
N VAL B 246 -6.12 7.05 -18.75
CA VAL B 246 -5.83 6.26 -17.59
C VAL B 246 -6.84 5.17 -17.48
N PHE B 247 -6.38 3.94 -17.30
CA PHE B 247 -7.27 2.78 -17.08
C PHE B 247 -7.20 2.47 -15.60
N GLY B 248 -8.32 2.33 -14.89
CA GLY B 248 -8.29 2.02 -13.48
C GLY B 248 -8.40 0.54 -13.22
N CYS B 249 -7.65 0.11 -12.25
CA CYS B 249 -7.65 -1.27 -11.77
C CYS B 249 -7.39 -1.25 -10.30
N GLY B 250 -8.22 -1.94 -9.55
CA GLY B 250 -7.96 -2.17 -8.12
C GLY B 250 -9.20 -1.95 -7.32
N GLY B 251 -9.65 -3.01 -6.63
CA GLY B 251 -10.74 -2.92 -5.74
C GLY B 251 -12.09 -2.71 -6.27
N VAL B 252 -12.31 -3.12 -7.54
CA VAL B 252 -13.66 -2.96 -8.12
C VAL B 252 -14.47 -4.23 -7.81
N TYR B 253 -15.56 -4.06 -7.06
CA TYR B 253 -16.51 -5.15 -6.74
C TYR B 253 -17.92 -4.76 -7.15
N SER B 254 -18.17 -3.52 -7.46
CA SER B 254 -19.51 -3.03 -7.65
C SER B 254 -19.49 -1.89 -8.65
N GLY B 255 -20.66 -1.57 -9.18
CA GLY B 255 -20.77 -0.46 -10.06
C GLY B 255 -20.43 0.88 -9.34
N GLU B 256 -20.63 0.97 -8.02
CA GLU B 256 -20.22 2.12 -7.26
C GLU B 256 -18.69 2.30 -7.26
N ASP B 257 -18.01 1.16 -7.15
CA ASP B 257 -16.55 1.20 -7.12
C ASP B 257 -16.06 1.67 -8.49
N ALA B 258 -16.67 1.16 -9.57
CA ALA B 258 -16.36 1.54 -10.93
C ALA B 258 -16.62 3.07 -11.15
N PHE B 259 -17.73 3.54 -10.58
CA PHE B 259 -18.12 4.94 -10.61
C PHE B 259 -17.00 5.81 -10.01
N LEU B 260 -16.48 5.39 -8.85
CA LEU B 260 -15.39 6.12 -8.21
C LEU B 260 -14.10 6.13 -9.06
N HIS B 261 -13.75 4.99 -9.65
CA HIS B 261 -12.62 4.93 -10.56
C HIS B 261 -12.82 5.95 -11.70
N ILE B 262 -14.01 5.99 -12.31
CA ILE B 262 -14.26 6.90 -13.41
C ILE B 262 -14.22 8.37 -12.95
N LEU B 263 -14.76 8.63 -11.79
CA LEU B 263 -14.69 9.97 -11.19
C LEU B 263 -13.25 10.47 -11.02
N ALA B 264 -12.37 9.53 -10.66
CA ALA B 264 -10.96 9.79 -10.43
C ALA B 264 -10.23 10.00 -11.75
N GLY B 265 -10.82 9.53 -12.87
CA GLY B 265 -10.25 9.71 -14.20
C GLY B 265 -10.17 8.47 -15.11
N ALA B 266 -10.62 7.32 -14.66
CA ALA B 266 -10.52 6.10 -15.46
C ALA B 266 -11.37 6.13 -16.72
N SER B 267 -10.73 5.66 -17.78
CA SER B 267 -11.44 5.43 -19.05
C SER B 267 -11.97 4.02 -19.18
N MET B 268 -11.13 3.02 -19.01
CA MET B 268 -11.58 1.66 -18.85
C MET B 268 -11.41 1.31 -17.37
N VAL B 269 -12.13 0.28 -16.91
CA VAL B 269 -12.08 -0.16 -15.52
C VAL B 269 -11.88 -1.71 -15.57
N GLN B 270 -10.80 -2.11 -14.96
CA GLN B 270 -10.39 -3.53 -14.95
C GLN B 270 -10.79 -4.17 -13.61
N VAL B 271 -11.12 -5.46 -13.65
CA VAL B 271 -11.61 -6.20 -12.50
C VAL B 271 -10.77 -7.50 -12.35
N GLY B 272 -10.02 -7.60 -11.24
CA GLY B 272 -9.16 -8.68 -10.94
C GLY B 272 -9.76 -9.65 -9.93
N THR B 273 -9.43 -9.38 -8.65
CA THR B 273 -9.87 -10.23 -7.52
C THR B 273 -11.36 -10.53 -7.60
N ALA B 274 -12.20 -9.53 -7.80
CA ALA B 274 -13.63 -9.78 -7.73
C ALA B 274 -14.13 -10.69 -8.85
N LEU B 275 -13.43 -10.62 -9.98
CA LEU B 275 -13.68 -11.45 -11.17
C LEU B 275 -13.21 -12.86 -10.88
N GLN B 276 -12.05 -12.99 -10.26
CA GLN B 276 -11.57 -14.31 -9.83
C GLN B 276 -12.51 -14.98 -8.85
N GLU B 277 -13.13 -14.22 -7.99
CA GLU B 277 -14.00 -14.75 -6.98
C GLU B 277 -15.40 -14.99 -7.53
N GLU B 278 -15.98 -14.12 -8.33
CA GLU B 278 -17.37 -14.20 -8.68
C GLU B 278 -17.56 -14.87 -10.04
N GLY B 279 -16.58 -14.85 -10.91
CA GLY B 279 -16.65 -15.29 -12.21
C GLY B 279 -17.22 -14.24 -13.18
N PRO B 280 -17.33 -14.57 -14.47
CA PRO B 280 -17.59 -13.60 -15.51
C PRO B 280 -18.97 -13.00 -15.56
N GLY B 281 -19.90 -13.64 -14.82
CA GLY B 281 -21.15 -13.00 -14.49
C GLY B 281 -21.08 -11.62 -13.93
N ILE B 282 -19.99 -11.36 -13.19
CA ILE B 282 -19.81 -10.09 -12.62
C ILE B 282 -20.03 -8.93 -13.57
N PHE B 283 -19.71 -9.10 -14.87
CA PHE B 283 -19.74 -8.00 -15.80
C PHE B 283 -21.17 -7.50 -16.02
N THR B 284 -22.16 -8.35 -16.07
CA THR B 284 -23.52 -7.87 -16.22
C THR B 284 -23.99 -7.11 -15.03
N ARG B 285 -23.61 -7.55 -13.83
CA ARG B 285 -23.91 -6.89 -12.57
C ARG B 285 -23.26 -5.53 -12.55
N LEU B 286 -21.99 -5.41 -12.93
CA LEU B 286 -21.32 -4.14 -12.81
C LEU B 286 -21.94 -3.13 -13.77
N GLU B 287 -22.28 -3.57 -14.96
CA GLU B 287 -22.94 -2.72 -15.96
C GLU B 287 -24.24 -2.20 -15.39
N ASP B 288 -25.05 -3.12 -14.87
CA ASP B 288 -26.35 -2.72 -14.36
C ASP B 288 -26.21 -1.71 -13.21
N GLU B 289 -25.29 -2.03 -12.29
CA GLU B 289 -25.09 -1.20 -11.13
C GLU B 289 -24.59 0.21 -11.57
N LEU B 290 -23.64 0.25 -12.48
CA LEU B 290 -23.11 1.54 -12.95
C LEU B 290 -24.23 2.39 -13.62
N LEU B 291 -25.04 1.74 -14.44
CA LEU B 291 -26.11 2.46 -15.15
C LEU B 291 -27.12 2.96 -14.15
N GLU B 292 -27.34 2.22 -13.08
CA GLU B 292 -28.32 2.60 -12.05
C GLU B 292 -27.85 3.84 -11.28
N ILE B 293 -26.59 3.85 -10.86
CA ILE B 293 -26.02 5.06 -10.26
C ILE B 293 -26.06 6.27 -11.18
N MET B 294 -25.72 6.08 -12.47
CA MET B 294 -25.78 7.17 -13.48
C MET B 294 -27.26 7.71 -13.55
N ALA B 295 -28.21 6.82 -13.65
CA ALA B 295 -29.62 7.22 -13.81
C ALA B 295 -30.06 8.05 -12.59
N ARG B 296 -29.70 7.58 -11.42
CA ARG B 296 -30.15 8.24 -10.15
C ARG B 296 -29.53 9.68 -10.13
N LYS B 297 -28.34 9.84 -10.68
CA LYS B 297 -27.64 11.11 -10.71
C LYS B 297 -27.98 12.01 -11.90
N GLY B 298 -28.67 11.51 -12.88
CA GLY B 298 -28.92 12.22 -14.08
C GLY B 298 -27.81 12.25 -15.10
N TYR B 299 -26.86 11.32 -15.01
CA TYR B 299 -25.82 11.32 -16.00
C TYR B 299 -26.19 10.43 -17.15
N ARG B 300 -25.96 10.88 -18.36
CA ARG B 300 -26.27 10.09 -19.53
C ARG B 300 -25.01 9.48 -20.17
N THR B 301 -23.85 10.06 -19.93
CA THR B 301 -22.60 9.62 -20.49
C THR B 301 -21.57 9.47 -19.40
N LEU B 302 -20.57 8.66 -19.72
CA LEU B 302 -19.38 8.61 -18.86
C LEU B 302 -18.55 9.88 -18.89
N GLU B 303 -18.41 10.50 -20.06
CA GLU B 303 -17.71 11.74 -20.20
C GLU B 303 -18.20 12.87 -19.28
N GLU B 304 -19.48 12.88 -18.92
CA GLU B 304 -20.04 13.91 -18.07
C GLU B 304 -19.37 13.94 -16.70
N PHE B 305 -18.89 12.80 -16.22
CA PHE B 305 -18.27 12.76 -14.85
C PHE B 305 -16.85 12.19 -14.79
N ARG B 306 -16.27 11.73 -15.90
CA ARG B 306 -14.93 11.16 -15.84
C ARG B 306 -13.96 12.28 -15.42
N GLY B 307 -13.18 12.00 -14.40
CA GLY B 307 -12.22 12.91 -13.84
C GLY B 307 -12.79 14.06 -13.06
N ARG B 308 -14.07 14.07 -12.85
CA ARG B 308 -14.69 15.20 -12.21
C ARG B 308 -14.86 15.08 -10.72
N VAL B 309 -14.05 14.24 -10.07
CA VAL B 309 -14.07 14.20 -8.61
C VAL B 309 -13.85 15.65 -8.11
N LYS B 310 -14.61 16.01 -7.10
CA LYS B 310 -14.53 17.33 -6.50
C LYS B 310 -13.57 17.37 -5.34
N THR B 311 -12.86 18.46 -5.21
CA THR B 311 -11.97 18.68 -4.07
C THR B 311 -12.66 19.67 -3.13
N ILE B 312 -12.17 19.81 -1.94
CA ILE B 312 -12.77 20.75 -0.97
C ILE B 312 -12.00 22.06 -0.95
N GLU B 313 -12.68 23.18 -1.19
CA GLU B 313 -12.07 24.52 -1.43
C GLU B 313 -10.87 24.51 -2.39
#